data_5NVN
#
_entry.id   5NVN
#
_cell.length_a   38.400
_cell.length_b   83.390
_cell.length_c   70.500
_cell.angle_alpha   90.00
_cell.angle_beta   104.28
_cell.angle_gamma   90.00
#
_symmetry.space_group_name_H-M   'P 1 21 1'
#
loop_
_entity.id
_entity.type
_entity.pdbx_description
1 polymer 'Eukaryotic translation initiation factor 4E type 2'
2 polymer 'Eukaryotic translation initiation factor 4E-binding protein 1'
3 non-polymer 'FORMIC ACID'
4 water water
#
loop_
_entity_poly.entity_id
_entity_poly.type
_entity_poly.pdbx_seq_one_letter_code
_entity_poly.pdbx_strand_id
1 'polypeptide(L)'
;GPHMLEAEHPLQYNYTFWYSRRTPGRPTSSQSYEQNIKQIGTFASVEQFWRFYSHMVRPGDLTGHSDFHLFKEGIKPMWE
DDANKNGGKWIIRLRKGLASRCWENLILAMLGEQFMVGEEICGAVVSVRFQEDIISIWNKTASDQATTARIRDTLRRVLN
LPPNTIMEYKTHTDSIKMPGRLGPQRLLF
;
A,C
2 'polypeptide(L)' GPHMTRIIYDRKFLMECRNSPVTKTPPRDLPTIPGVTS B,D
#
loop_
_chem_comp.id
_chem_comp.type
_chem_comp.name
_chem_comp.formula
FMT non-polymer 'FORMIC ACID' 'C H2 O2'
#
# COMPACT_ATOMS: atom_id res chain seq x y z
N GLY A 1 14.97 3.66 -20.45
CA GLY A 1 15.63 2.49 -19.88
C GLY A 1 16.38 2.83 -18.60
N PRO A 2 15.65 3.20 -17.56
CA PRO A 2 16.30 3.61 -16.31
C PRO A 2 16.71 2.41 -15.46
N HIS A 3 17.50 2.72 -14.45
CA HIS A 3 17.94 1.75 -13.44
C HIS A 3 17.75 2.44 -12.10
N MET A 4 16.75 1.99 -11.34
CA MET A 4 16.26 2.72 -10.19
C MET A 4 16.28 1.84 -8.94
N LEU A 5 16.38 2.50 -7.79
CA LEU A 5 16.08 1.90 -6.50
C LEU A 5 14.96 2.70 -5.85
N GLU A 6 14.10 2.03 -5.09
CA GLU A 6 13.04 2.74 -4.38
C GLU A 6 12.82 2.10 -3.02
N ALA A 7 12.86 2.95 -2.00
CA ALA A 7 12.58 2.54 -0.63
C ALA A 7 11.98 3.75 0.07
N GLU A 8 11.01 3.50 0.95
CA GLU A 8 10.27 4.58 1.58
C GLU A 8 10.48 4.55 3.09
N HIS A 9 10.32 5.71 3.71
CA HIS A 9 10.57 5.86 5.14
C HIS A 9 9.37 5.36 5.92
N PRO A 10 9.50 4.27 6.68
CA PRO A 10 8.34 3.75 7.41
C PRO A 10 7.94 4.67 8.54
N LEU A 11 6.66 4.64 8.86
CA LEU A 11 6.11 5.33 10.02
C LEU A 11 5.97 4.34 11.17
N GLN A 12 5.91 4.88 12.39
CA GLN A 12 5.73 4.02 13.55
C GLN A 12 4.39 3.31 13.50
N TYR A 13 3.38 3.94 12.92
CA TYR A 13 2.07 3.33 12.73
C TYR A 13 1.57 3.65 11.33
N ASN A 14 0.61 2.84 10.87
CA ASN A 14 -0.22 3.22 9.73
C ASN A 14 -1.28 4.21 10.19
N TYR A 15 -1.61 5.16 9.32
CA TYR A 15 -2.56 6.20 9.63
C TYR A 15 -3.62 6.27 8.54
N THR A 16 -4.79 6.78 8.90
CA THR A 16 -5.91 6.91 7.98
C THR A 16 -6.46 8.32 8.04
N PHE A 17 -6.55 8.97 6.88
CA PHE A 17 -7.27 10.23 6.76
C PHE A 17 -8.77 9.97 6.69
N TRP A 18 -9.54 10.71 7.48
CA TRP A 18 -10.99 10.69 7.42
C TRP A 18 -11.51 12.08 7.13
N TYR A 19 -12.77 12.14 6.70
CA TYR A 19 -13.43 13.39 6.38
C TYR A 19 -14.87 13.34 6.88
N SER A 20 -15.41 14.50 7.24
CA SER A 20 -16.79 14.61 7.65
C SER A 20 -17.32 15.99 7.30
N ARG A 21 -18.61 16.05 7.00
CA ARG A 21 -19.26 17.32 6.63
C ARG A 21 -20.21 17.79 7.73
N ASN A 36 -21.75 11.94 9.29
CA ASN A 36 -21.14 10.75 8.73
C ASN A 36 -19.67 10.99 8.40
N ILE A 37 -18.79 10.18 8.97
CA ILE A 37 -17.36 10.25 8.75
C ILE A 37 -16.97 9.18 7.75
N LYS A 38 -16.21 9.56 6.72
CA LYS A 38 -15.80 8.64 5.67
C LYS A 38 -14.28 8.63 5.53
N GLN A 39 -13.75 7.46 5.19
CA GLN A 39 -12.32 7.30 5.04
C GLN A 39 -11.84 7.87 3.71
N ILE A 40 -10.73 8.59 3.75
CA ILE A 40 -10.06 9.02 2.52
C ILE A 40 -9.05 7.99 2.06
N GLY A 41 -8.26 7.46 2.98
CA GLY A 41 -7.27 6.46 2.63
C GLY A 41 -6.30 6.24 3.78
N THR A 42 -5.51 5.18 3.63
CA THR A 42 -4.56 4.75 4.64
C THR A 42 -3.17 4.69 4.02
N PHE A 43 -2.16 5.04 4.82
CA PHE A 43 -0.78 5.09 4.36
C PHE A 43 0.13 4.58 5.46
N ALA A 44 1.34 4.17 5.06
CA ALA A 44 2.30 3.58 5.99
C ALA A 44 3.70 4.16 5.88
N SER A 45 3.92 5.15 5.02
CA SER A 45 5.25 5.71 4.80
C SER A 45 5.16 7.23 4.70
N VAL A 46 6.28 7.89 4.99
CA VAL A 46 6.33 9.34 4.87
C VAL A 46 5.95 9.76 3.46
N GLU A 47 6.47 9.05 2.45
CA GLU A 47 6.20 9.40 1.07
C GLU A 47 4.72 9.23 0.73
N GLN A 48 4.14 8.09 1.10
CA GLN A 48 2.71 7.91 0.88
C GLN A 48 1.88 8.97 1.59
N PHE A 49 2.33 9.43 2.76
CA PHE A 49 1.62 10.51 3.45
C PHE A 49 1.55 11.75 2.58
N TRP A 50 2.68 12.16 2.00
CA TRP A 50 2.68 13.38 1.19
C TRP A 50 1.81 13.23 -0.04
N ARG A 51 1.70 12.02 -0.59
CA ARG A 51 0.81 11.79 -1.71
C ARG A 51 -0.64 12.05 -1.34
N PHE A 52 -1.06 11.58 -0.17
CA PHE A 52 -2.42 11.87 0.29
C PHE A 52 -2.57 13.34 0.67
N TYR A 53 -1.61 13.86 1.44
CA TYR A 53 -1.73 15.22 1.95
C TYR A 53 -1.74 16.23 0.81
N SER A 54 -0.80 16.10 -0.13
CA SER A 54 -0.69 17.06 -1.22
C SER A 54 -1.88 17.03 -2.16
N HIS A 55 -2.75 16.02 -2.06
CA HIS A 55 -3.95 15.94 -2.89
C HIS A 55 -5.22 16.15 -2.08
N MET A 56 -5.11 16.79 -0.91
CA MET A 56 -6.25 17.22 -0.12
C MET A 56 -6.23 18.74 -0.02
N VAL A 57 -7.41 19.35 -0.03
CA VAL A 57 -7.51 20.77 0.24
C VAL A 57 -7.04 21.04 1.67
N ARG A 58 -6.29 22.11 1.83
CA ARG A 58 -5.86 22.50 3.17
C ARG A 58 -7.06 23.00 3.97
N PRO A 59 -7.09 22.76 5.29
CA PRO A 59 -8.29 23.13 6.06
C PRO A 59 -8.60 24.61 6.01
N GLY A 60 -7.59 25.47 5.83
CA GLY A 60 -7.86 26.88 5.68
C GLY A 60 -8.71 27.18 4.45
N ASP A 61 -8.47 26.46 3.36
CA ASP A 61 -9.22 26.62 2.12
C ASP A 61 -10.49 25.78 2.10
N LEU A 62 -10.93 25.27 3.25
CA LEU A 62 -12.13 24.47 3.34
C LEU A 62 -13.34 25.35 3.60
N THR A 63 -14.53 24.80 3.34
CA THR A 63 -15.77 25.57 3.35
C THR A 63 -16.75 25.00 4.35
N GLY A 64 -17.49 25.89 5.01
CA GLY A 64 -18.64 25.50 5.80
C GLY A 64 -18.33 24.87 7.14
N HIS A 65 -18.79 23.63 7.33
CA HIS A 65 -18.71 22.92 8.61
C HIS A 65 -18.13 21.53 8.31
N SER A 66 -16.82 21.48 8.09
CA SER A 66 -16.13 20.25 7.70
C SER A 66 -14.98 19.97 8.66
N ASP A 67 -14.60 18.69 8.74
CA ASP A 67 -13.53 18.26 9.62
C ASP A 67 -12.62 17.30 8.87
N PHE A 68 -11.32 17.42 9.13
CA PHE A 68 -10.36 16.38 8.76
C PHE A 68 -9.96 15.61 10.00
N HIS A 69 -9.71 14.32 9.83
CA HIS A 69 -9.26 13.47 10.91
C HIS A 69 -8.09 12.62 10.41
N LEU A 70 -7.09 12.43 11.27
CA LEU A 70 -5.95 11.58 10.93
C LEU A 70 -5.65 10.69 12.14
N PHE A 71 -6.12 9.46 12.09
CA PHE A 71 -6.03 8.54 13.22
C PHE A 71 -5.24 7.29 12.84
N LYS A 72 -4.68 6.66 13.86
CA LYS A 72 -4.05 5.36 13.67
C LYS A 72 -5.01 4.42 12.97
N GLU A 73 -4.48 3.62 12.04
CA GLU A 73 -5.30 2.66 11.34
C GLU A 73 -5.95 1.72 12.35
N GLY A 74 -7.26 1.54 12.23
CA GLY A 74 -8.02 0.75 13.16
C GLY A 74 -8.80 1.56 14.18
N ILE A 75 -8.30 2.75 14.53
CA ILE A 75 -8.99 3.62 15.47
C ILE A 75 -9.90 4.54 14.66
N LYS A 76 -11.20 4.40 14.85
CA LYS A 76 -12.13 5.31 14.22
C LYS A 76 -12.17 6.62 14.98
N PRO A 77 -12.34 7.76 14.30
CA PRO A 77 -12.37 9.06 15.00
C PRO A 77 -13.70 9.32 15.69
N MET A 78 -14.05 8.44 16.63
CA MET A 78 -15.31 8.50 17.37
C MET A 78 -15.05 8.09 18.81
N TRP A 79 -15.71 8.76 19.75
CA TRP A 79 -15.50 8.43 21.16
C TRP A 79 -15.87 6.99 21.46
N GLU A 80 -16.82 6.43 20.70
CA GLU A 80 -17.29 5.07 20.94
C GLU A 80 -16.22 4.03 20.67
N ASP A 81 -15.23 4.34 19.84
CA ASP A 81 -14.20 3.36 19.51
C ASP A 81 -13.50 2.89 20.78
N ASP A 82 -13.20 1.60 20.84
CA ASP A 82 -12.60 1.03 22.05
C ASP A 82 -11.30 1.70 22.41
N ALA A 83 -10.53 2.19 21.42
CA ALA A 83 -9.28 2.87 21.71
C ALA A 83 -9.50 4.19 22.43
N ASN A 84 -10.69 4.78 22.30
CA ASN A 84 -11.00 6.07 22.88
C ASN A 84 -11.82 5.98 24.17
N LYS A 85 -12.08 4.77 24.67
CA LYS A 85 -12.63 4.62 26.02
C LYS A 85 -11.66 5.24 27.02
N ASN A 86 -12.21 5.89 28.04
CA ASN A 86 -11.40 6.53 29.07
C ASN A 86 -10.39 7.50 28.46
N GLY A 87 -10.69 7.98 27.24
CA GLY A 87 -9.79 8.87 26.53
C GLY A 87 -10.22 10.32 26.61
N GLY A 88 -9.37 11.17 26.07
CA GLY A 88 -9.63 12.60 26.05
C GLY A 88 -8.83 13.26 24.95
N LYS A 89 -8.84 14.59 24.96
CA LYS A 89 -8.19 15.33 23.90
C LYS A 89 -7.78 16.71 24.38
N TRP A 90 -6.62 17.18 23.90
CA TRP A 90 -6.28 18.59 23.99
C TRP A 90 -6.92 19.32 22.82
N ILE A 91 -7.38 20.54 23.07
CA ILE A 91 -8.12 21.34 22.11
C ILE A 91 -7.48 22.72 22.00
N ILE A 92 -7.37 23.21 20.77
CA ILE A 92 -6.91 24.59 20.52
C ILE A 92 -7.94 25.26 19.63
N ARG A 93 -8.53 26.34 20.12
CA ARG A 93 -9.42 27.17 19.30
C ARG A 93 -8.59 28.25 18.62
N LEU A 94 -8.73 28.33 17.29
CA LEU A 94 -7.88 29.18 16.48
C LEU A 94 -8.72 30.20 15.72
N ARG A 95 -8.22 31.43 15.65
CA ARG A 95 -8.81 32.41 14.76
C ARG A 95 -8.61 31.96 13.31
N LYS A 96 -9.48 32.46 12.44
CA LYS A 96 -9.39 32.10 11.02
C LYS A 96 -8.02 32.47 10.47
N GLY A 97 -7.48 31.59 9.63
CA GLY A 97 -6.19 31.82 8.99
C GLY A 97 -5.05 31.01 9.55
N LEU A 98 -5.23 30.37 10.70
CA LEU A 98 -4.17 29.59 11.33
C LEU A 98 -4.34 28.08 11.16
N ALA A 99 -5.48 27.63 10.64
CA ALA A 99 -5.80 26.21 10.67
C ALA A 99 -4.87 25.40 9.76
N SER A 100 -4.57 25.92 8.58
CA SER A 100 -3.75 25.16 7.63
C SER A 100 -2.36 24.90 8.18
N ARG A 101 -1.70 25.95 8.68
CA ARG A 101 -0.35 25.78 9.20
C ARG A 101 -0.34 24.92 10.46
N CYS A 102 -1.27 25.16 11.38
CA CYS A 102 -1.31 24.38 12.61
C CYS A 102 -1.59 22.91 12.33
N TRP A 103 -2.56 22.63 11.46
CA TRP A 103 -2.87 21.25 11.11
C TRP A 103 -1.65 20.54 10.56
N GLU A 104 -0.92 21.19 9.66
CA GLU A 104 0.28 20.59 9.09
C GLU A 104 1.31 20.28 10.17
N ASN A 105 1.61 21.27 11.02
CA ASN A 105 2.61 21.06 12.06
C ASN A 105 2.19 19.98 13.04
N LEU A 106 0.90 19.91 13.35
CA LEU A 106 0.43 18.90 14.29
C LEU A 106 0.63 17.50 13.75
N ILE A 107 0.16 17.25 12.53
CA ILE A 107 0.19 15.89 11.99
C ILE A 107 1.62 15.48 11.64
N LEU A 108 2.44 16.42 11.17
CA LEU A 108 3.86 16.11 10.99
C LEU A 108 4.50 15.73 12.32
N ALA A 109 4.09 16.39 13.41
CA ALA A 109 4.63 16.04 14.72
C ALA A 109 4.10 14.69 15.20
N MET A 110 2.82 14.42 14.95
CA MET A 110 2.24 13.13 15.32
C MET A 110 2.89 12.00 14.51
N LEU A 111 2.98 12.17 13.20
CA LEU A 111 3.55 11.11 12.36
C LEU A 111 5.02 10.88 12.69
N GLY A 112 5.75 11.94 13.02
CA GLY A 112 7.15 11.84 13.39
C GLY A 112 7.41 11.38 14.82
N GLU A 113 6.36 11.00 15.55
CA GLU A 113 6.52 10.48 16.91
C GLU A 113 7.18 11.50 17.83
N GLN A 114 6.85 12.78 17.62
CA GLN A 114 7.41 13.84 18.45
C GLN A 114 6.78 13.89 19.84
N PHE A 115 5.67 13.20 20.06
CA PHE A 115 4.99 13.32 21.35
C PHE A 115 5.62 12.45 22.42
N MET A 116 6.16 11.29 22.05
CA MET A 116 6.92 10.45 22.99
C MET A 116 6.07 10.03 24.18
N VAL A 117 4.92 9.43 23.89
CA VAL A 117 4.02 8.96 24.94
C VAL A 117 3.64 7.51 24.68
N GLY A 118 4.58 6.74 24.12
CA GLY A 118 4.30 5.35 23.83
C GLY A 118 3.14 5.21 22.86
N GLU A 119 2.18 4.37 23.22
CA GLU A 119 1.03 4.06 22.37
C GLU A 119 -0.16 4.97 22.61
N GLU A 120 0.02 6.05 23.38
CA GLU A 120 -1.13 6.80 23.91
C GLU A 120 -1.84 7.63 22.86
N ILE A 121 -1.19 7.99 21.76
CA ILE A 121 -1.83 8.83 20.76
C ILE A 121 -2.82 8.02 19.95
N CYS A 122 -4.00 8.60 19.72
CA CYS A 122 -5.00 8.02 18.83
C CYS A 122 -5.06 8.72 17.47
N GLY A 123 -5.11 10.05 17.47
CA GLY A 123 -5.19 10.77 16.22
C GLY A 123 -5.40 12.26 16.45
N ALA A 124 -5.51 12.97 15.33
CA ALA A 124 -5.64 14.42 15.32
C ALA A 124 -6.83 14.82 14.49
N VAL A 125 -7.46 15.93 14.87
CA VAL A 125 -8.61 16.48 14.16
C VAL A 125 -8.39 17.97 13.94
N VAL A 126 -8.89 18.46 12.81
CA VAL A 126 -9.06 19.89 12.57
C VAL A 126 -10.47 20.12 12.08
N SER A 127 -11.16 21.10 12.65
CA SER A 127 -12.56 21.36 12.37
C SER A 127 -12.71 22.83 12.01
N VAL A 128 -13.18 23.10 10.80
CA VAL A 128 -13.47 24.46 10.37
C VAL A 128 -14.90 24.79 10.76
N ARG A 129 -15.09 25.91 11.45
CA ARG A 129 -16.39 26.35 11.91
C ARG A 129 -16.67 27.75 11.37
N PHE A 130 -17.74 28.36 11.87
CA PHE A 130 -18.19 29.64 11.33
C PHE A 130 -17.24 30.77 11.69
N GLN A 131 -16.99 30.95 12.99
CA GLN A 131 -16.18 32.07 13.47
C GLN A 131 -14.78 31.69 13.92
N GLU A 132 -14.47 30.40 13.97
CA GLU A 132 -13.16 29.96 14.44
C GLU A 132 -12.88 28.57 13.89
N ASP A 133 -11.66 28.10 14.14
CA ASP A 133 -11.27 26.74 13.83
C ASP A 133 -10.79 26.07 15.11
N ILE A 134 -10.81 24.73 15.10
CA ILE A 134 -10.44 23.94 16.26
C ILE A 134 -9.54 22.82 15.79
N ILE A 135 -8.39 22.66 16.46
CA ILE A 135 -7.52 21.53 16.25
C ILE A 135 -7.40 20.78 17.57
N SER A 136 -7.36 19.45 17.47
CA SER A 136 -7.30 18.62 18.66
C SER A 136 -6.44 17.40 18.38
N ILE A 137 -5.89 16.84 19.46
CA ILE A 137 -5.20 15.56 19.39
C ILE A 137 -5.76 14.69 20.50
N TRP A 138 -6.10 13.45 20.16
CA TRP A 138 -6.72 12.51 21.08
C TRP A 138 -5.69 11.55 21.63
N ASN A 139 -5.87 11.15 22.89
CA ASN A 139 -5.06 10.09 23.48
C ASN A 139 -5.98 9.12 24.20
N LYS A 140 -5.41 7.95 24.55
CA LYS A 140 -6.21 6.81 24.99
C LYS A 140 -6.67 6.94 26.45
N THR A 141 -5.81 7.45 27.31
CA THR A 141 -6.06 7.46 28.76
C THR A 141 -6.15 8.91 29.23
N ALA A 142 -7.37 9.38 29.48
CA ALA A 142 -7.56 10.75 29.92
C ALA A 142 -6.93 10.99 31.28
N SER A 143 -6.94 9.99 32.16
CA SER A 143 -6.48 10.14 33.52
C SER A 143 -4.97 10.02 33.67
N ASP A 144 -4.24 9.74 32.58
CA ASP A 144 -2.78 9.66 32.63
C ASP A 144 -2.21 11.07 32.56
N GLN A 145 -1.96 11.66 33.72
CA GLN A 145 -1.54 13.06 33.78
C GLN A 145 -0.15 13.24 33.17
N ALA A 146 0.76 12.28 33.38
CA ALA A 146 2.08 12.39 32.79
C ALA A 146 2.00 12.43 31.26
N THR A 147 1.09 11.66 30.68
CA THR A 147 0.93 11.67 29.23
C THR A 147 0.28 12.96 28.75
N THR A 148 -0.80 13.39 29.42
CA THR A 148 -1.51 14.59 28.97
C THR A 148 -0.64 15.83 29.11
N ALA A 149 0.26 15.86 30.10
CA ALA A 149 1.17 16.99 30.24
C ALA A 149 2.24 16.96 29.15
N ARG A 150 2.82 15.79 28.88
CA ARG A 150 3.81 15.69 27.81
C ARG A 150 3.19 16.06 26.47
N ILE A 151 1.97 15.59 26.21
CA ILE A 151 1.25 16.00 25.00
C ILE A 151 1.10 17.52 24.96
N ARG A 152 0.66 18.10 26.08
CA ARG A 152 0.56 19.55 26.20
C ARG A 152 1.88 20.23 25.84
N ASP A 153 2.97 19.77 26.45
CA ASP A 153 4.26 20.41 26.26
C ASP A 153 4.71 20.33 24.81
N THR A 154 4.40 19.23 24.12
CA THR A 154 4.80 19.07 22.72
CA THR A 154 4.82 19.09 22.73
C THR A 154 3.97 19.98 21.82
N LEU A 155 2.69 20.13 22.13
CA LEU A 155 1.83 21.00 21.31
C LEU A 155 2.35 22.42 21.30
N ARG A 156 2.76 22.95 22.46
CA ARG A 156 3.24 24.32 22.51
C ARG A 156 4.53 24.49 21.72
N ARG A 157 5.33 23.42 21.60
CA ARG A 157 6.57 23.49 20.84
CA ARG A 157 6.57 23.49 20.84
C ARG A 157 6.28 23.36 19.34
N VAL A 158 5.81 22.18 18.91
CA VAL A 158 5.65 21.92 17.48
C VAL A 158 4.68 22.91 16.86
N LEU A 159 3.69 23.36 17.61
CA LEU A 159 2.88 24.49 17.17
C LEU A 159 3.58 25.78 17.60
N ASN A 160 3.38 26.82 16.81
CA ASN A 160 4.06 28.10 17.04
C ASN A 160 3.10 29.11 17.64
N LEU A 161 2.37 28.70 18.64
CA LEU A 161 1.32 29.52 19.21
C LEU A 161 1.86 30.33 20.39
N PRO A 162 1.33 31.54 20.60
CA PRO A 162 1.79 32.33 21.74
C PRO A 162 1.61 31.57 23.03
N PRO A 163 2.41 31.87 24.06
CA PRO A 163 2.24 31.17 25.34
C PRO A 163 0.87 31.36 25.97
N ASN A 164 0.24 32.53 25.79
CA ASN A 164 -1.06 32.78 26.39
C ASN A 164 -2.20 32.13 25.63
N THR A 165 -1.91 31.45 24.53
CA THR A 165 -2.92 30.66 23.84
C THR A 165 -3.47 29.62 24.80
N ILE A 166 -4.79 29.65 25.00
CA ILE A 166 -5.43 28.73 25.94
C ILE A 166 -5.55 27.37 25.30
N MET A 167 -5.14 26.33 26.03
CA MET A 167 -5.32 24.95 25.61
C MET A 167 -6.27 24.29 26.61
N GLU A 168 -7.27 23.57 26.09
CA GLU A 168 -8.25 22.89 26.92
C GLU A 168 -8.11 21.38 26.74
N TYR A 169 -8.05 20.66 27.84
CA TYR A 169 -8.12 19.20 27.80
C TYR A 169 -9.49 18.77 28.31
N LYS A 170 -10.17 17.94 27.51
CA LYS A 170 -11.49 17.45 27.86
C LYS A 170 -11.55 15.95 27.62
N THR A 171 -12.24 15.24 28.51
CA THR A 171 -12.60 13.87 28.19
CA THR A 171 -12.62 13.87 28.21
C THR A 171 -13.66 13.90 27.09
N HIS A 172 -13.79 12.77 26.40
CA HIS A 172 -14.79 12.71 25.34
C HIS A 172 -16.19 12.85 25.91
N THR A 173 -16.43 12.31 27.10
CA THR A 173 -17.75 12.49 27.71
C THR A 173 -18.01 13.95 28.04
N ASP A 174 -16.96 14.69 28.43
CA ASP A 174 -17.10 16.13 28.63
C ASP A 174 -17.52 16.84 27.35
N SER A 175 -17.23 16.27 26.19
CA SER A 175 -17.54 16.89 24.91
C SER A 175 -18.92 16.52 24.39
N ILE A 176 -19.58 15.52 24.97
CA ILE A 176 -20.84 15.00 24.46
C ILE A 176 -21.98 15.49 25.35
N LYS A 177 -23.05 15.97 24.72
CA LYS A 177 -24.27 16.39 25.41
C LYS A 177 -23.97 17.38 26.53
N MET A 178 -23.41 18.53 26.12
CA MET A 178 -23.05 19.59 27.05
C MET A 178 -23.16 20.92 26.32
N PRO A 179 -23.32 22.04 27.06
CA PRO A 179 -23.40 23.35 26.42
C PRO A 179 -22.24 23.64 25.47
N THR B 5 13.38 1.96 20.31
CA THR B 5 13.75 2.01 18.90
C THR B 5 12.62 2.63 18.07
N ARG B 6 11.91 3.58 18.68
CA ARG B 6 10.79 4.22 18.01
C ARG B 6 11.27 5.00 16.79
N ILE B 7 10.48 4.94 15.72
CA ILE B 7 10.78 5.69 14.50
C ILE B 7 10.40 7.15 14.73
N ILE B 8 11.39 8.03 14.70
CA ILE B 8 11.20 9.44 15.00
C ILE B 8 11.70 10.27 13.82
N TYR B 9 10.90 11.25 13.42
CA TYR B 9 11.25 12.17 12.34
C TYR B 9 11.02 13.59 12.81
N ASP B 10 12.01 14.46 12.66
CA ASP B 10 11.80 15.87 12.90
C ASP B 10 11.11 16.51 11.70
N ARG B 11 10.57 17.71 11.92
CA ARG B 11 9.74 18.35 10.91
C ARG B 11 10.52 18.64 9.63
N LYS B 12 11.74 19.15 9.75
CA LYS B 12 12.51 19.52 8.57
C LYS B 12 12.74 18.31 7.67
N PHE B 13 13.04 17.16 8.25
CA PHE B 13 13.23 15.95 7.46
C PHE B 13 11.97 15.59 6.69
N LEU B 14 10.83 15.52 7.39
CA LEU B 14 9.58 15.18 6.72
C LEU B 14 9.29 16.16 5.58
N MET B 15 9.53 17.45 5.81
CA MET B 15 9.30 18.44 4.76
C MET B 15 10.16 18.14 3.54
N GLU B 16 11.42 17.79 3.74
CA GLU B 16 12.30 17.54 2.61
C GLU B 16 11.97 16.23 1.90
N CYS B 17 11.30 15.29 2.58
CA CYS B 17 10.88 14.05 1.93
C CYS B 17 9.82 14.29 0.87
N ARG B 18 9.15 15.44 0.90
CA ARG B 18 8.17 15.76 -0.13
C ARG B 18 8.83 16.01 -1.48
N ASN B 19 10.13 16.28 -1.50
CA ASN B 19 10.85 16.60 -2.74
C ASN B 19 11.29 15.31 -3.43
N SER B 20 10.28 14.56 -3.89
CA SER B 20 10.52 13.32 -4.61
C SER B 20 9.39 13.11 -5.60
N PRO B 21 9.68 12.58 -6.79
CA PRO B 21 8.61 12.37 -7.77
C PRO B 21 7.57 11.37 -7.32
N VAL B 22 7.89 10.51 -6.34
CA VAL B 22 6.91 9.59 -5.79
C VAL B 22 5.67 10.33 -5.31
N THR B 23 5.86 11.54 -4.78
CA THR B 23 4.75 12.30 -4.21
C THR B 23 3.94 13.05 -5.25
N LYS B 24 4.36 13.05 -6.51
CA LYS B 24 3.74 13.88 -7.54
C LYS B 24 2.54 13.22 -8.21
N THR B 25 2.15 12.02 -7.79
CA THR B 25 0.99 11.36 -8.32
C THR B 25 0.01 11.02 -7.20
N PRO B 26 -1.29 11.09 -7.44
CA PRO B 26 -2.25 10.77 -6.38
C PRO B 26 -2.29 9.27 -6.13
N PRO B 27 -2.71 8.85 -4.94
CA PRO B 27 -2.96 7.41 -4.73
C PRO B 27 -4.11 6.96 -5.64
N ARG B 28 -3.95 5.77 -6.22
CA ARG B 28 -5.00 5.25 -7.10
C ARG B 28 -6.34 5.21 -6.37
N ASP B 29 -6.32 4.87 -5.08
CA ASP B 29 -7.53 4.71 -4.29
C ASP B 29 -8.13 6.04 -3.84
N LEU B 30 -7.56 7.18 -4.23
CA LEU B 30 -8.02 8.46 -3.73
C LEU B 30 -9.46 8.71 -4.16
N PRO B 31 -10.41 8.83 -3.23
CA PRO B 31 -11.78 9.17 -3.63
C PRO B 31 -11.88 10.59 -4.15
N THR B 32 -12.78 10.79 -5.11
CA THR B 32 -13.06 12.11 -5.66
C THR B 32 -14.21 12.72 -4.85
N ILE B 33 -13.87 13.55 -3.87
CA ILE B 33 -14.84 14.27 -3.05
C ILE B 33 -14.78 15.74 -3.46
N PRO B 34 -15.89 16.34 -3.87
CA PRO B 34 -15.83 17.72 -4.38
C PRO B 34 -15.44 18.70 -3.27
N GLY B 35 -14.41 19.50 -3.54
CA GLY B 35 -13.96 20.50 -2.61
C GLY B 35 -13.02 20.03 -1.53
N VAL B 36 -12.66 18.74 -1.52
CA VAL B 36 -11.79 18.19 -0.48
C VAL B 36 -10.55 17.56 -1.10
N THR B 37 -10.74 16.51 -1.88
CA THR B 37 -9.63 15.81 -2.51
C THR B 37 -9.38 16.43 -3.87
N SER B 38 -8.26 17.15 -4.00
CA SER B 38 -7.88 17.75 -5.27
C SER B 38 -7.30 16.68 -6.20
N GLY C 1 -27.41 -39.69 -11.31
CA GLY C 1 -28.15 -38.94 -12.31
C GLY C 1 -28.15 -37.43 -12.05
N PRO C 2 -26.97 -36.81 -12.11
CA PRO C 2 -26.86 -35.41 -11.73
C PRO C 2 -27.35 -34.46 -12.83
N HIS C 3 -27.47 -33.20 -12.45
CA HIS C 3 -27.87 -32.14 -13.35
C HIS C 3 -27.05 -30.91 -12.98
N MET C 4 -26.09 -30.55 -13.83
CA MET C 4 -25.04 -29.61 -13.46
C MET C 4 -24.97 -28.47 -14.48
N LEU C 5 -24.44 -27.35 -14.02
CA LEU C 5 -24.02 -26.26 -14.88
C LEU C 5 -22.55 -25.98 -14.60
N GLU C 6 -21.83 -25.50 -15.61
CA GLU C 6 -20.44 -25.18 -15.42
C GLU C 6 -20.06 -24.00 -16.31
N ALA C 7 -19.48 -22.98 -15.70
CA ALA C 7 -18.94 -21.84 -16.43
C ALA C 7 -17.80 -21.30 -15.59
N GLU C 8 -16.78 -20.78 -16.26
CA GLU C 8 -15.56 -20.36 -15.61
C GLU C 8 -15.35 -18.87 -15.80
N HIS C 9 -14.64 -18.27 -14.85
CA HIS C 9 -14.40 -16.83 -14.88
C HIS C 9 -13.27 -16.53 -15.84
N PRO C 10 -13.50 -15.77 -16.91
CA PRO C 10 -12.42 -15.49 -17.86
C PRO C 10 -11.38 -14.54 -17.29
N LEU C 11 -10.20 -14.57 -17.90
CA LEU C 11 -9.12 -13.68 -17.54
C LEU C 11 -8.92 -12.66 -18.66
N GLN C 12 -8.37 -11.51 -18.30
CA GLN C 12 -8.08 -10.49 -19.30
C GLN C 12 -7.16 -11.02 -20.37
N TYR C 13 -6.23 -11.89 -20.01
CA TYR C 13 -5.30 -12.50 -20.95
C TYR C 13 -5.19 -13.99 -20.65
N ASN C 14 -4.75 -14.73 -21.65
CA ASN C 14 -4.25 -16.08 -21.43
C ASN C 14 -2.81 -16.01 -20.94
N TYR C 15 -2.47 -16.90 -20.01
CA TYR C 15 -1.15 -16.92 -19.42
C TYR C 15 -0.55 -18.31 -19.53
N THR C 16 0.78 -18.35 -19.56
CA THR C 16 1.52 -19.60 -19.70
C THR C 16 2.52 -19.72 -18.56
N PHE C 17 2.48 -20.86 -17.86
CA PHE C 17 3.50 -21.18 -16.88
C PHE C 17 4.74 -21.72 -17.57
N TRP C 18 5.90 -21.26 -17.13
CA TRP C 18 7.18 -21.80 -17.57
C TRP C 18 8.00 -22.22 -16.37
N TYR C 19 9.00 -23.06 -16.63
CA TYR C 19 9.92 -23.52 -15.61
C TYR C 19 11.30 -23.62 -16.22
N SER C 20 12.31 -23.18 -15.47
CA SER C 20 13.69 -23.28 -15.90
C SER C 20 14.54 -23.73 -14.73
N ARG C 21 15.67 -24.37 -15.05
CA ARG C 21 16.60 -24.86 -14.04
C ARG C 21 18.00 -24.84 -14.63
N ARG C 22 18.94 -24.30 -13.87
CA ARG C 22 20.34 -24.23 -14.30
C ARG C 22 21.15 -25.34 -13.65
N ASN C 36 16.74 -24.58 -21.45
CA ASN C 36 16.56 -24.50 -20.00
C ASN C 36 15.11 -24.18 -19.65
N ILE C 37 14.52 -23.21 -20.35
CA ILE C 37 13.17 -22.77 -20.09
C ILE C 37 12.20 -23.67 -20.85
N LYS C 38 11.17 -24.17 -20.16
CA LYS C 38 10.21 -25.07 -20.76
C LYS C 38 8.80 -24.67 -20.36
N GLN C 39 7.85 -24.90 -21.28
CA GLN C 39 6.45 -24.59 -21.02
C GLN C 39 5.82 -25.66 -20.14
N ILE C 40 5.06 -25.21 -19.16
CA ILE C 40 4.23 -26.11 -18.35
C ILE C 40 2.80 -26.17 -18.91
N GLY C 41 2.22 -25.03 -19.25
CA GLY C 41 0.91 -25.02 -19.85
C GLY C 41 0.31 -23.64 -19.84
N THR C 42 -0.78 -23.50 -20.60
CA THR C 42 -1.47 -22.24 -20.79
C THR C 42 -2.92 -22.36 -20.32
N PHE C 43 -3.44 -21.28 -19.73
CA PHE C 43 -4.79 -21.28 -19.18
C PHE C 43 -5.46 -19.95 -19.50
N ALA C 44 -6.79 -19.97 -19.45
CA ALA C 44 -7.59 -18.82 -19.84
C ALA C 44 -8.67 -18.43 -18.83
N SER C 45 -8.72 -19.06 -17.67
CA SER C 45 -9.74 -18.76 -16.67
C SER C 45 -9.16 -18.90 -15.28
N VAL C 46 -9.84 -18.30 -14.31
CA VAL C 46 -9.40 -18.40 -12.92
C VAL C 46 -9.32 -19.86 -12.51
N GLU C 47 -10.36 -20.64 -12.85
CA GLU C 47 -10.43 -22.02 -12.42
C GLU C 47 -9.31 -22.85 -13.02
N GLN C 48 -9.02 -22.66 -14.31
CA GLN C 48 -7.92 -23.38 -14.94
C GLN C 48 -6.58 -22.97 -14.32
N PHE C 49 -6.42 -21.70 -13.97
CA PHE C 49 -5.20 -21.28 -13.27
C PHE C 49 -4.97 -22.12 -12.01
N TRP C 50 -6.01 -22.25 -11.18
CA TRP C 50 -5.84 -22.98 -9.93
C TRP C 50 -5.50 -24.44 -10.18
N ARG C 51 -5.99 -25.01 -11.27
CA ARG C 51 -5.68 -26.40 -11.59
C ARG C 51 -4.19 -26.57 -11.86
N PHE C 52 -3.62 -25.65 -12.66
CA PHE C 52 -2.18 -25.65 -12.89
C PHE C 52 -1.43 -25.35 -11.60
N TYR C 53 -1.80 -24.26 -10.93
CA TYR C 53 -1.07 -23.83 -9.74
C TYR C 53 -1.10 -24.90 -8.64
N SER C 54 -2.27 -25.51 -8.42
CA SER C 54 -2.40 -26.50 -7.36
C SER C 54 -1.62 -27.77 -7.63
N HIS C 55 -1.21 -28.00 -8.87
CA HIS C 55 -0.42 -29.18 -9.24
C HIS C 55 1.01 -28.82 -9.59
N MET C 56 1.50 -27.69 -9.07
CA MET C 56 2.90 -27.31 -9.15
C MET C 56 3.46 -27.20 -7.74
N VAL C 57 4.70 -27.64 -7.56
CA VAL C 57 5.36 -27.44 -6.28
C VAL C 57 5.44 -25.94 -5.99
N ARG C 58 5.42 -25.59 -4.72
CA ARG C 58 5.55 -24.19 -4.33
C ARG C 58 6.99 -23.72 -4.56
N PRO C 59 7.18 -22.46 -4.95
CA PRO C 59 8.55 -21.98 -5.20
C PRO C 59 9.53 -22.32 -4.09
N GLY C 60 9.12 -22.13 -2.83
CA GLY C 60 9.99 -22.42 -1.71
C GLY C 60 10.42 -23.87 -1.60
N ASP C 61 9.79 -24.77 -2.34
CA ASP C 61 10.13 -26.18 -2.31
C ASP C 61 10.89 -26.62 -3.55
N LEU C 62 11.25 -25.70 -4.44
CA LEU C 62 12.07 -26.03 -5.60
C LEU C 62 13.51 -26.25 -5.18
N THR C 63 14.20 -27.12 -5.91
CA THR C 63 15.59 -27.43 -5.64
C THR C 63 16.50 -26.69 -6.60
N GLY C 64 17.58 -26.13 -6.06
CA GLY C 64 18.66 -25.62 -6.89
C GLY C 64 18.37 -24.27 -7.52
N HIS C 65 18.94 -24.09 -8.72
CA HIS C 65 18.88 -22.82 -9.44
C HIS C 65 17.67 -22.84 -10.38
N SER C 66 16.49 -22.71 -9.78
CA SER C 66 15.23 -22.95 -10.47
C SER C 66 14.40 -21.67 -10.50
N ASP C 67 13.63 -21.52 -11.57
CA ASP C 67 12.73 -20.39 -11.73
C ASP C 67 11.36 -20.86 -12.20
N PHE C 68 10.33 -20.15 -11.76
CA PHE C 68 9.01 -20.22 -12.35
C PHE C 68 8.75 -18.92 -13.09
N HIS C 69 8.04 -19.01 -14.21
CA HIS C 69 7.67 -17.84 -14.97
C HIS C 69 6.19 -17.93 -15.31
N LEU C 70 5.49 -16.82 -15.20
CA LEU C 70 4.10 -16.72 -15.62
C LEU C 70 3.99 -15.51 -16.53
N PHE C 71 3.80 -15.76 -17.83
CA PHE C 71 3.80 -14.72 -18.84
C PHE C 71 2.55 -14.81 -19.70
N LYS C 72 2.09 -13.65 -20.17
CA LYS C 72 1.01 -13.63 -21.14
C LYS C 72 1.32 -14.58 -22.28
N GLU C 73 0.28 -15.29 -22.75
CA GLU C 73 0.47 -16.20 -23.88
C GLU C 73 1.07 -15.45 -25.06
N GLY C 74 2.08 -16.05 -25.67
CA GLY C 74 2.76 -15.45 -26.79
C GLY C 74 4.02 -14.69 -26.43
N ILE C 75 4.25 -14.41 -25.15
CA ILE C 75 5.47 -13.75 -24.69
C ILE C 75 6.35 -14.79 -24.03
N LYS C 76 7.50 -15.04 -24.61
CA LYS C 76 8.47 -15.91 -23.97
C LYS C 76 9.21 -15.15 -22.87
N PRO C 77 9.56 -15.84 -21.74
CA PRO C 77 10.23 -15.16 -20.62
C PRO C 77 11.72 -14.93 -20.88
N MET C 78 12.01 -14.25 -21.98
CA MET C 78 13.37 -13.96 -22.42
C MET C 78 13.41 -12.54 -22.92
N TRP C 79 14.54 -11.85 -22.69
CA TRP C 79 14.65 -10.47 -23.13
C TRP C 79 14.58 -10.37 -24.65
N GLU C 80 15.00 -11.42 -25.35
CA GLU C 80 15.02 -11.37 -26.82
C GLU C 80 13.63 -11.26 -27.42
N ASP C 81 12.61 -11.75 -26.72
CA ASP C 81 11.25 -11.70 -27.23
C ASP C 81 10.87 -10.26 -27.60
N ASP C 82 10.24 -10.11 -28.76
CA ASP C 82 9.90 -8.77 -29.25
C ASP C 82 9.14 -7.96 -28.23
N ALA C 83 8.29 -8.61 -27.43
CA ALA C 83 7.53 -7.91 -26.41
C ALA C 83 8.41 -7.37 -25.29
N ASN C 84 9.60 -7.94 -25.08
CA ASN C 84 10.47 -7.56 -23.98
C ASN C 84 11.66 -6.70 -24.41
N LYS C 85 11.86 -6.49 -25.70
CA LYS C 85 13.12 -5.90 -26.17
C LYS C 85 13.39 -4.55 -25.51
N ASN C 86 12.38 -3.67 -25.47
CA ASN C 86 12.52 -2.37 -24.84
C ASN C 86 12.08 -2.36 -23.37
N GLY C 87 11.99 -3.52 -22.74
CA GLY C 87 11.35 -3.66 -21.46
C GLY C 87 12.32 -3.65 -20.28
N GLY C 88 11.75 -3.84 -19.11
CA GLY C 88 12.50 -3.95 -17.88
C GLY C 88 11.67 -4.67 -16.84
N LYS C 89 12.13 -4.60 -15.60
CA LYS C 89 11.47 -5.35 -14.54
C LYS C 89 11.75 -4.71 -13.18
N TRP C 90 10.74 -4.75 -12.31
CA TRP C 90 10.96 -4.57 -10.89
C TRP C 90 11.39 -5.90 -10.29
N ILE C 91 12.31 -5.86 -9.34
CA ILE C 91 12.81 -7.06 -8.68
C ILE C 91 12.83 -6.81 -7.18
N ILE C 92 12.50 -7.84 -6.41
CA ILE C 92 12.56 -7.79 -4.97
C ILE C 92 13.36 -8.98 -4.48
N ARG C 93 14.39 -8.73 -3.68
CA ARG C 93 15.15 -9.79 -3.04
C ARG C 93 14.50 -10.14 -1.71
N LEU C 94 14.42 -11.44 -1.41
CA LEU C 94 13.68 -11.92 -0.27
C LEU C 94 14.50 -12.96 0.48
N ARG C 95 14.58 -12.79 1.79
CA ARG C 95 15.12 -13.84 2.65
C ARG C 95 14.33 -15.13 2.41
N LYS C 96 14.94 -16.25 2.75
CA LYS C 96 14.31 -17.54 2.52
C LYS C 96 13.03 -17.66 3.34
N GLY C 97 12.06 -18.38 2.77
CA GLY C 97 10.80 -18.63 3.43
C GLY C 97 9.66 -17.74 2.98
N LEU C 98 9.93 -16.75 2.13
CA LEU C 98 8.92 -15.80 1.70
C LEU C 98 8.47 -15.97 0.26
N ALA C 99 9.24 -16.68 -0.56
CA ALA C 99 8.98 -16.69 -2.00
C ALA C 99 7.64 -17.32 -2.34
N SER C 100 7.30 -18.44 -1.71
CA SER C 100 6.02 -19.08 -1.98
C SER C 100 4.87 -18.11 -1.80
N ARG C 101 4.83 -17.43 -0.64
CA ARG C 101 3.72 -16.53 -0.35
C ARG C 101 3.72 -15.32 -1.27
N CYS C 102 4.90 -14.72 -1.49
CA CYS C 102 4.98 -13.55 -2.35
C CYS C 102 4.61 -13.90 -3.80
N TRP C 103 5.12 -15.03 -4.30
CA TRP C 103 4.77 -15.48 -5.64
C TRP C 103 3.25 -15.58 -5.82
N GLU C 104 2.58 -16.25 -4.89
CA GLU C 104 1.13 -16.38 -4.97
C GLU C 104 0.47 -15.00 -4.98
N ASN C 105 0.91 -14.11 -4.08
CA ASN C 105 0.33 -12.77 -4.04
C ASN C 105 0.54 -12.02 -5.35
N LEU C 106 1.73 -12.17 -5.94
CA LEU C 106 2.03 -11.44 -7.17
C LEU C 106 1.19 -11.93 -8.32
N ILE C 107 1.16 -13.25 -8.55
CA ILE C 107 0.49 -13.76 -9.74
C ILE C 107 -1.02 -13.57 -9.63
N LEU C 108 -1.58 -13.68 -8.43
CA LEU C 108 -2.99 -13.36 -8.25
C LEU C 108 -3.26 -11.89 -8.56
N ALA C 109 -2.34 -11.01 -8.17
CA ALA C 109 -2.49 -9.59 -8.49
C ALA C 109 -2.39 -9.35 -9.99
N MET C 110 -1.41 -9.98 -10.64
CA MET C 110 -1.26 -9.84 -12.08
C MET C 110 -2.45 -10.44 -12.81
N LEU C 111 -2.83 -11.67 -12.45
CA LEU C 111 -3.98 -12.29 -13.09
C LEU C 111 -5.26 -11.48 -12.85
N GLY C 112 -5.41 -10.93 -11.64
CA GLY C 112 -6.57 -10.14 -11.30
C GLY C 112 -6.59 -8.74 -11.88
N GLU C 113 -5.59 -8.39 -12.67
CA GLU C 113 -5.49 -7.06 -13.30
C GLU C 113 -5.41 -5.95 -12.25
N GLN C 114 -4.63 -6.18 -11.20
CA GLN C 114 -4.48 -5.21 -10.14
C GLN C 114 -3.50 -4.08 -10.48
N PHE C 115 -2.71 -4.21 -11.55
CA PHE C 115 -1.70 -3.20 -11.82
C PHE C 115 -2.26 -2.02 -12.60
N MET C 116 -3.20 -2.27 -13.51
CA MET C 116 -3.88 -1.21 -14.25
CA MET C 116 -3.88 -1.21 -14.25
C MET C 116 -2.88 -0.32 -14.99
N VAL C 117 -2.08 -0.97 -15.85
CA VAL C 117 -1.10 -0.28 -16.68
C VAL C 117 -1.34 -0.71 -18.12
N GLY C 118 -2.60 -0.81 -18.52
CA GLY C 118 -2.92 -1.21 -19.88
C GLY C 118 -2.30 -2.54 -20.23
N GLU C 119 -1.61 -2.57 -21.37
CA GLU C 119 -1.02 -3.79 -21.91
CA GLU C 119 -1.01 -3.79 -21.91
C GLU C 119 0.44 -3.97 -21.50
N GLU C 120 0.93 -3.19 -20.53
CA GLU C 120 2.36 -3.11 -20.28
C GLU C 120 2.93 -4.36 -19.64
N ILE C 121 2.14 -5.11 -18.87
CA ILE C 121 2.69 -6.26 -18.16
C ILE C 121 3.03 -7.36 -19.15
N CYS C 122 4.18 -7.99 -18.95
CA CYS C 122 4.58 -9.17 -19.71
C CYS C 122 4.44 -10.46 -18.91
N GLY C 123 4.89 -10.45 -17.66
CA GLY C 123 4.80 -11.63 -16.84
C GLY C 123 5.57 -11.43 -15.55
N ALA C 124 5.63 -12.51 -14.78
CA ALA C 124 6.26 -12.51 -13.48
C ALA C 124 7.18 -13.71 -13.38
N VAL C 125 8.20 -13.57 -12.52
CA VAL C 125 9.21 -14.60 -12.33
C VAL C 125 9.50 -14.71 -10.84
N VAL C 126 9.72 -15.93 -10.38
CA VAL C 126 10.27 -16.20 -9.06
C VAL C 126 11.48 -17.08 -9.26
N SER C 127 12.59 -16.69 -8.63
CA SER C 127 13.87 -17.36 -8.77
C SER C 127 14.33 -17.78 -7.38
N VAL C 128 14.60 -19.07 -7.20
CA VAL C 128 15.06 -19.59 -5.92
C VAL C 128 16.57 -19.77 -5.99
N ARG C 129 17.27 -19.16 -5.04
CA ARG C 129 18.70 -19.30 -4.88
C ARG C 129 18.96 -19.66 -3.42
N PHE C 130 20.22 -19.93 -3.08
CA PHE C 130 20.54 -20.49 -1.77
C PHE C 130 20.19 -19.52 -0.65
N GLN C 131 20.85 -18.36 -0.62
CA GLN C 131 20.69 -17.44 0.49
C GLN C 131 19.53 -16.48 0.32
N GLU C 132 18.94 -16.39 -0.88
CA GLU C 132 17.82 -15.48 -1.09
C GLU C 132 16.99 -15.98 -2.25
N ASP C 133 15.77 -15.47 -2.33
CA ASP C 133 14.90 -15.66 -3.47
C ASP C 133 14.66 -14.31 -4.11
N ILE C 134 14.30 -14.33 -5.39
CA ILE C 134 14.06 -13.09 -6.14
C ILE C 134 12.74 -13.23 -6.88
N ILE C 135 11.91 -12.19 -6.78
CA ILE C 135 10.64 -12.14 -7.49
CA ILE C 135 10.64 -12.14 -7.49
C ILE C 135 10.61 -10.84 -8.29
N SER C 136 10.15 -10.92 -9.53
CA SER C 136 10.16 -9.78 -10.42
C SER C 136 8.91 -9.80 -11.28
N ILE C 137 8.58 -8.62 -11.80
CA ILE C 137 7.50 -8.47 -12.77
C ILE C 137 8.03 -7.64 -13.92
N TRP C 138 7.86 -8.16 -15.14
CA TRP C 138 8.38 -7.55 -16.36
C TRP C 138 7.29 -6.72 -17.02
N ASN C 139 7.68 -5.55 -17.54
CA ASN C 139 6.78 -4.74 -18.34
C ASN C 139 7.45 -4.39 -19.66
N LYS C 140 6.64 -3.92 -20.60
CA LYS C 140 7.08 -3.83 -22.00
C LYS C 140 8.00 -2.65 -22.25
N THR C 141 7.77 -1.52 -21.59
CA THR C 141 8.47 -0.27 -21.87
C THR C 141 9.19 0.20 -20.62
N ALA C 142 10.52 0.06 -20.60
CA ALA C 142 11.29 0.49 -19.44
C ALA C 142 11.28 2.00 -19.28
N SER C 143 11.15 2.74 -20.37
CA SER C 143 11.16 4.20 -20.32
C SER C 143 9.81 4.79 -19.96
N ASP C 144 8.76 3.98 -19.81
CA ASP C 144 7.44 4.46 -19.42
C ASP C 144 7.44 4.64 -17.90
N GLN C 145 7.81 5.84 -17.47
CA GLN C 145 7.98 6.09 -16.04
C GLN C 145 6.66 6.08 -15.29
N ALA C 146 5.58 6.54 -15.93
CA ALA C 146 4.27 6.44 -15.29
C ALA C 146 3.91 4.99 -15.02
N THR C 147 4.17 4.11 -15.98
CA THR C 147 3.85 2.69 -15.81
C THR C 147 4.70 2.06 -14.72
N THR C 148 6.02 2.28 -14.76
CA THR C 148 6.88 1.65 -13.76
C THR C 148 6.57 2.13 -12.36
N ALA C 149 6.16 3.40 -12.20
CA ALA C 149 5.76 3.88 -10.88
C ALA C 149 4.47 3.22 -10.42
N ARG C 150 3.49 3.07 -11.32
CA ARG C 150 2.25 2.41 -10.96
C ARG C 150 2.47 0.95 -10.63
N ILE C 151 3.32 0.27 -11.40
CA ILE C 151 3.70 -1.11 -11.07
C ILE C 151 4.34 -1.16 -9.69
N ARG C 152 5.21 -0.18 -9.39
CA ARG C 152 5.85 -0.11 -8.08
C ARG C 152 4.82 0.04 -6.97
N ASP C 153 3.86 0.97 -7.14
CA ASP C 153 2.80 1.14 -6.15
C ASP C 153 2.05 -0.16 -5.91
N THR C 154 1.62 -0.82 -7.00
CA THR C 154 0.86 -2.05 -6.86
C THR C 154 1.65 -3.11 -6.11
N LEU C 155 2.93 -3.26 -6.45
CA LEU C 155 3.77 -4.25 -5.78
C LEU C 155 3.79 -4.04 -4.27
N ARG C 156 3.97 -2.78 -3.83
CA ARG C 156 4.05 -2.53 -2.40
C ARG C 156 2.74 -2.89 -1.71
N ARG C 157 1.61 -2.57 -2.34
CA ARG C 157 0.32 -2.96 -1.79
C ARG C 157 0.15 -4.48 -1.76
N VAL C 158 0.18 -5.12 -2.94
CA VAL C 158 -0.28 -6.50 -3.03
C VAL C 158 0.69 -7.48 -2.41
N LEU C 159 1.97 -7.14 -2.30
CA LEU C 159 2.95 -8.01 -1.68
C LEU C 159 3.14 -7.71 -0.20
N ASN C 160 2.42 -6.72 0.35
CA ASN C 160 2.53 -6.38 1.77
C ASN C 160 3.98 -6.13 2.15
N LEU C 161 4.69 -5.37 1.32
CA LEU C 161 6.09 -5.07 1.59
C LEU C 161 6.20 -3.99 2.66
N PRO C 162 7.12 -4.11 3.60
CA PRO C 162 7.46 -2.97 4.46
C PRO C 162 7.84 -1.77 3.60
N PRO C 163 7.58 -0.55 4.06
CA PRO C 163 7.95 0.62 3.25
C PRO C 163 9.43 0.67 2.88
N ASN C 164 10.30 0.20 3.77
CA ASN C 164 11.75 0.29 3.56
C ASN C 164 12.30 -0.84 2.72
N THR C 165 11.46 -1.79 2.31
CA THR C 165 11.89 -2.82 1.37
C THR C 165 12.47 -2.18 0.12
N ILE C 166 13.69 -2.55 -0.22
CA ILE C 166 14.38 -1.99 -1.37
C ILE C 166 13.88 -2.70 -2.63
N MET C 167 13.33 -1.93 -3.55
CA MET C 167 12.90 -2.43 -4.86
C MET C 167 13.84 -1.87 -5.92
N GLU C 168 14.20 -2.72 -6.88
CA GLU C 168 15.12 -2.32 -7.94
C GLU C 168 14.44 -2.51 -9.29
N TYR C 169 14.42 -1.45 -10.09
CA TYR C 169 13.98 -1.53 -11.47
C TYR C 169 15.20 -1.46 -12.37
N LYS C 170 15.28 -2.38 -13.33
CA LYS C 170 16.38 -2.35 -14.28
C LYS C 170 15.89 -2.85 -15.63
N THR C 171 16.48 -2.33 -16.69
CA THR C 171 16.22 -2.87 -18.01
C THR C 171 16.82 -4.27 -18.10
N HIS C 172 16.41 -5.01 -19.12
CA HIS C 172 16.96 -6.35 -19.31
C HIS C 172 18.45 -6.28 -19.66
N THR C 173 18.87 -5.25 -20.39
CA THR C 173 20.29 -5.09 -20.68
C THR C 173 21.08 -4.85 -19.40
N ASP C 174 20.50 -4.12 -18.45
CA ASP C 174 21.17 -3.90 -17.17
C ASP C 174 21.38 -5.21 -16.41
N SER C 175 20.61 -6.24 -16.72
CA SER C 175 20.67 -7.50 -16.00
C SER C 175 21.54 -8.54 -16.69
N ILE C 176 22.15 -8.21 -17.81
CA ILE C 176 22.85 -9.17 -18.65
C ILE C 176 24.30 -8.74 -18.80
N LYS C 177 25.21 -9.70 -18.68
CA LYS C 177 26.64 -9.46 -18.88
C LYS C 177 27.13 -8.34 -17.97
N MET C 178 26.79 -8.44 -16.68
CA MET C 178 27.13 -7.45 -15.68
C MET C 178 27.42 -8.18 -14.37
N PRO C 179 28.37 -7.68 -13.56
CA PRO C 179 28.64 -8.32 -12.26
C PRO C 179 27.43 -8.36 -11.35
N MET D 4 -14.01 1.64 -20.25
CA MET D 4 -13.39 1.08 -19.05
C MET D 4 -13.92 -0.31 -18.75
N THR D 5 -13.58 -1.28 -19.60
CA THR D 5 -13.97 -2.67 -19.41
C THR D 5 -12.69 -3.51 -19.39
N ARG D 6 -12.16 -3.75 -18.19
CA ARG D 6 -11.07 -4.69 -17.98
C ARG D 6 -11.53 -5.69 -16.92
N ILE D 7 -11.18 -6.96 -17.12
CA ILE D 7 -11.62 -8.01 -16.21
C ILE D 7 -10.70 -7.96 -14.98
N ILE D 8 -11.26 -7.53 -13.84
CA ILE D 8 -10.52 -7.32 -12.61
C ILE D 8 -11.06 -8.26 -11.55
N TYR D 9 -10.15 -8.82 -10.74
CA TYR D 9 -10.54 -9.71 -9.65
C TYR D 9 -9.71 -9.36 -8.42
N ASP D 10 -10.38 -9.15 -7.29
CA ASP D 10 -9.68 -8.96 -6.04
C ASP D 10 -9.09 -10.28 -5.56
N ARG D 11 -8.06 -10.19 -4.72
CA ARG D 11 -7.38 -11.39 -4.24
C ARG D 11 -8.34 -12.33 -3.53
N LYS D 12 -9.18 -11.78 -2.65
CA LYS D 12 -10.11 -12.61 -1.90
C LYS D 12 -10.98 -13.42 -2.84
N PHE D 13 -11.49 -12.81 -3.90
CA PHE D 13 -12.34 -13.51 -4.85
C PHE D 13 -11.60 -14.67 -5.49
N LEU D 14 -10.41 -14.42 -6.02
CA LEU D 14 -9.65 -15.47 -6.69
C LEU D 14 -9.38 -16.63 -5.75
N MET D 15 -9.14 -16.35 -4.47
CA MET D 15 -8.84 -17.40 -3.52
C MET D 15 -10.03 -18.33 -3.34
N GLU D 16 -11.24 -17.78 -3.32
CA GLU D 16 -12.42 -18.61 -3.10
C GLU D 16 -12.79 -19.42 -4.33
N CYS D 17 -12.39 -18.98 -5.53
CA CYS D 17 -12.65 -19.76 -6.73
C CYS D 17 -11.85 -21.06 -6.76
N ARG D 18 -10.84 -21.18 -5.90
CA ARG D 18 -10.03 -22.40 -5.86
C ARG D 18 -10.83 -23.60 -5.38
N ASN D 19 -11.93 -23.38 -4.64
CA ASN D 19 -12.66 -24.46 -3.99
C ASN D 19 -13.59 -25.22 -4.92
N SER D 20 -13.85 -24.71 -6.12
CA SER D 20 -14.71 -25.44 -7.04
C SER D 20 -14.11 -26.80 -7.35
N PRO D 21 -14.90 -27.88 -7.37
CA PRO D 21 -14.34 -29.20 -7.66
C PRO D 21 -13.58 -29.28 -8.98
N VAL D 22 -13.72 -28.27 -9.85
CA VAL D 22 -12.96 -28.23 -11.09
C VAL D 22 -11.47 -28.18 -10.81
N THR D 23 -11.08 -27.63 -9.65
CA THR D 23 -9.67 -27.43 -9.35
C THR D 23 -8.96 -28.76 -9.08
N LYS D 24 -9.66 -29.73 -8.52
CA LYS D 24 -9.00 -30.95 -8.04
C LYS D 24 -8.36 -31.73 -9.18
N THR D 25 -8.86 -31.59 -10.40
CA THR D 25 -8.29 -32.32 -11.51
C THR D 25 -7.10 -31.56 -12.08
N PRO D 26 -6.02 -32.26 -12.44
CA PRO D 26 -4.90 -31.60 -13.12
C PRO D 26 -5.17 -31.48 -14.61
N PRO D 27 -4.60 -30.48 -15.28
CA PRO D 27 -4.77 -30.40 -16.74
C PRO D 27 -4.14 -31.60 -17.43
N ARG D 28 -4.75 -32.02 -18.54
CA ARG D 28 -4.21 -33.14 -19.29
C ARG D 28 -2.85 -32.78 -19.92
N ASP D 29 -2.75 -31.61 -20.53
CA ASP D 29 -1.49 -31.19 -21.13
C ASP D 29 -0.37 -31.00 -20.10
N LEU D 30 -0.68 -31.12 -18.81
CA LEU D 30 0.31 -30.94 -17.76
C LEU D 30 1.45 -31.95 -17.97
N PRO D 31 2.66 -31.49 -18.28
CA PRO D 31 3.78 -32.43 -18.40
C PRO D 31 4.16 -32.99 -17.04
N THR D 32 4.81 -34.16 -17.08
CA THR D 32 5.34 -34.78 -15.87
C THR D 32 6.79 -34.32 -15.72
N ILE D 33 7.02 -33.45 -14.75
CA ILE D 33 8.35 -32.94 -14.45
C ILE D 33 8.66 -33.27 -13.00
N PRO D 34 9.42 -34.34 -12.74
CA PRO D 34 9.71 -34.72 -11.35
C PRO D 34 10.33 -33.57 -10.57
N GLY D 35 9.72 -33.24 -9.44
CA GLY D 35 10.16 -32.14 -8.62
C GLY D 35 9.59 -30.79 -8.99
N VAL D 36 8.73 -30.73 -10.00
CA VAL D 36 8.14 -29.46 -10.43
C VAL D 36 6.63 -29.62 -10.50
N THR D 37 6.15 -30.46 -11.41
CA THR D 37 4.72 -30.68 -11.60
C THR D 37 4.30 -31.94 -10.87
N SER D 38 3.12 -31.87 -10.24
CA SER D 38 2.64 -32.98 -9.43
C SER D 38 1.12 -33.10 -9.56
C FMT E . -0.78 4.32 -4.36
O1 FMT E . -1.64 4.53 -3.50
O2 FMT E . 0.31 4.89 -4.36
H FMT E . -0.98 3.62 -5.16
C FMT F . -1.86 0.09 -6.30
O1 FMT F . -2.17 -0.95 -6.88
O2 FMT F . -2.15 0.27 -5.11
H FMT F . -1.33 0.85 -6.86
C FMT G . -1.58 2.07 -10.31
O1 FMT G . -1.88 2.10 -11.51
O2 FMT G . -0.83 1.19 -9.86
H FMT G . -1.96 2.81 -9.62
C FMT H . 13.42 -9.75 3.08
O1 FMT H . 12.91 -10.84 2.90
O2 FMT H . 12.77 -8.71 2.99
H FMT H . 14.50 -9.71 3.30
C FMT I . 17.46 -10.26 1.62
O1 FMT I . 17.94 -10.46 0.50
O2 FMT I . 16.64 -9.36 1.82
H FMT I . 17.79 -10.91 2.43
C FMT J . -1.66 -11.30 1.03
O1 FMT J . -0.89 -11.56 1.97
O2 FMT J . -2.26 -10.24 0.95
H FMT J . -1.80 -12.02 0.23
HO2 FMT J . -2.16 -9.56 1.66
C FMT K . 24.33 -11.68 -25.88
O1 FMT K . 25.20 -10.82 -26.04
O2 FMT K . 23.87 -11.94 -24.77
H FMT K . 23.96 -12.25 -26.74
HO2 FMT K . 24.18 -11.46 -23.98
#